data_1N7J
#
_entry.id   1N7J
#
_cell.length_a   94.740
_cell.length_b   94.740
_cell.length_c   186.900
_cell.angle_alpha   90.00
_cell.angle_beta   90.00
_cell.angle_gamma   90.00
#
_symmetry.space_group_name_H-M   'P 43 21 2'
#
loop_
_entity.id
_entity.type
_entity.pdbx_description
1 polymer 'Phenylethanolamine N-methyltransferase'
2 non-polymer S-ADENOSYL-L-HOMOCYSTEINE
3 non-polymer 7-IODO-1,2,3,4-TETRAHYDRO-ISOQUINOLINE
4 water water
#
_entity_poly.entity_id   1
_entity_poly.type   'polypeptide(L)'
_entity_poly.pdbx_seq_one_letter_code
;MSGADRSPNAGAAPDSAPGQAAVASAYQRFEPRAYLRNNYAPPRGDLCNPNGVGPWKLRCLAQTFATGEVSGRTLIDIGS
GPTVYQLLSACSHFEDITMTDFLEVNRQELGRWLQEEPGAFNWSMYSQHACLIEGKGECWQDKERQLRARVKRVLPIDVH
QPQPLGAGSPAPLPADALVSAFCLEAVSPDLASFQRALDHITTLLRPGGHLLLIGALEESWYLAGEARLTVVPVSEEEVR
EALVRSGYKVRDLRTYIMPAHLQTGVDDVKGVFFAWAQKVGL
;
_entity_poly.pdbx_strand_id   A,B
#
loop_
_chem_comp.id
_chem_comp.type
_chem_comp.name
_chem_comp.formula
IDI non-polymer 7-IODO-1,2,3,4-TETRAHYDRO-ISOQUINOLINE 'C9 H10 I N'
#
# COMPACT_ATOMS: atom_id res chain seq x y z
N ALA A 22 13.05 1.23 -27.35
CA ALA A 22 14.20 0.34 -27.72
C ALA A 22 14.74 -0.43 -26.52
N VAL A 23 13.90 -0.65 -25.51
CA VAL A 23 14.31 -1.41 -24.33
C VAL A 23 14.79 -2.77 -24.82
N ALA A 24 14.05 -3.33 -25.79
CA ALA A 24 14.36 -4.63 -26.39
C ALA A 24 15.85 -4.77 -26.72
N SER A 25 16.48 -3.66 -27.08
CA SER A 25 17.90 -3.65 -27.41
C SER A 25 18.69 -4.08 -26.18
N ALA A 26 18.32 -3.53 -25.02
CA ALA A 26 18.98 -3.84 -23.77
C ALA A 26 18.69 -5.27 -23.34
N TYR A 27 17.45 -5.70 -23.55
CA TYR A 27 17.06 -7.05 -23.18
C TYR A 27 17.80 -8.13 -23.97
N GLN A 28 18.53 -7.70 -25.00
CA GLN A 28 19.28 -8.65 -25.81
C GLN A 28 20.42 -9.26 -25.01
N ARG A 29 21.02 -8.49 -24.13
CA ARG A 29 22.12 -9.01 -23.32
C ARG A 29 21.62 -9.68 -22.04
N PHE A 30 20.30 -9.75 -21.88
CA PHE A 30 19.63 -10.34 -20.72
C PHE A 30 20.07 -11.76 -20.42
N GLU A 31 20.66 -11.95 -19.25
CA GLU A 31 21.13 -13.26 -18.81
C GLU A 31 20.19 -13.86 -17.75
N PRO A 32 19.32 -14.82 -18.16
CA PRO A 32 18.36 -15.47 -17.25
C PRO A 32 18.94 -15.91 -15.92
N ARG A 33 20.02 -16.69 -15.98
CA ARG A 33 20.65 -17.19 -14.77
C ARG A 33 21.07 -16.06 -13.83
N ALA A 34 21.55 -14.96 -14.40
CA ALA A 34 21.98 -13.85 -13.55
C ALA A 34 20.75 -13.19 -12.92
N TYR A 35 19.68 -13.14 -13.67
CA TYR A 35 18.46 -12.56 -13.18
C TYR A 35 17.97 -13.39 -11.99
N LEU A 36 17.86 -14.69 -12.20
CA LEU A 36 17.41 -15.61 -11.16
C LEU A 36 18.23 -15.49 -9.88
N ARG A 37 19.54 -15.38 -10.04
CA ARG A 37 20.46 -15.27 -8.90
C ARG A 37 20.32 -13.96 -8.14
N ASN A 38 19.90 -12.90 -8.82
CA ASN A 38 19.77 -11.60 -8.18
C ASN A 38 18.46 -11.43 -7.47
N ASN A 39 17.45 -12.16 -7.93
CA ASN A 39 16.12 -12.01 -7.35
C ASN A 39 15.51 -13.22 -6.70
N TYR A 40 15.98 -14.41 -7.04
CA TYR A 40 15.38 -15.59 -6.46
C TYR A 40 16.29 -16.54 -5.70
N ALA A 41 17.42 -16.00 -5.25
CA ALA A 41 18.39 -16.74 -4.46
C ALA A 41 18.64 -15.86 -3.25
N PRO A 42 19.12 -16.44 -2.14
CA PRO A 42 19.39 -15.68 -0.92
C PRO A 42 20.14 -14.39 -1.23
N PRO A 43 19.77 -13.27 -0.58
CA PRO A 43 18.73 -13.09 0.45
C PRO A 43 17.24 -13.02 0.01
N ARG A 44 16.97 -12.56 -1.20
CA ARG A 44 15.59 -12.44 -1.64
C ARG A 44 14.90 -13.79 -1.77
N GLY A 45 15.68 -14.80 -2.10
CA GLY A 45 15.11 -16.13 -2.28
C GLY A 45 15.16 -17.02 -1.05
N ASP A 46 15.42 -16.41 0.10
CA ASP A 46 15.48 -17.14 1.34
C ASP A 46 14.09 -17.00 1.95
N LEU A 47 13.23 -17.98 1.69
CA LEU A 47 11.86 -17.94 2.19
C LEU A 47 11.64 -18.16 3.71
N CYS A 48 12.70 -18.44 4.47
CA CYS A 48 12.54 -18.58 5.92
C CYS A 48 12.57 -17.12 6.34
N ASN A 49 11.57 -16.70 7.11
CA ASN A 49 11.41 -15.30 7.55
C ASN A 49 10.30 -14.72 6.69
N PRO A 50 9.11 -14.61 7.29
CA PRO A 50 7.87 -14.10 6.70
C PRO A 50 7.92 -12.65 6.24
N ASN A 51 8.84 -11.87 6.79
CA ASN A 51 8.93 -10.46 6.42
C ASN A 51 9.59 -10.24 5.07
N GLY A 52 9.88 -11.33 4.38
CA GLY A 52 10.49 -11.23 3.06
C GLY A 52 9.53 -11.06 1.91
N VAL A 53 10.08 -10.71 0.75
CA VAL A 53 9.29 -10.51 -0.45
C VAL A 53 8.75 -11.82 -0.99
N GLY A 54 9.55 -12.87 -0.89
CA GLY A 54 9.12 -14.16 -1.38
C GLY A 54 7.82 -14.51 -0.71
N PRO A 55 7.85 -14.64 0.64
CA PRO A 55 6.69 -14.98 1.46
C PRO A 55 5.47 -14.10 1.12
N TRP A 56 5.71 -12.80 1.13
CA TRP A 56 4.67 -11.82 0.83
C TRP A 56 4.06 -12.00 -0.58
N LYS A 57 4.89 -12.19 -1.60
CA LYS A 57 4.36 -12.36 -2.95
C LYS A 57 3.52 -13.62 -3.03
N LEU A 58 4.05 -14.74 -2.54
CA LEU A 58 3.30 -15.99 -2.58
C LEU A 58 2.04 -15.87 -1.75
N ARG A 59 2.09 -15.08 -0.69
CA ARG A 59 0.95 -14.90 0.19
C ARG A 59 -0.17 -14.16 -0.54
N CYS A 60 0.18 -13.11 -1.28
CA CYS A 60 -0.81 -12.33 -2.04
C CYS A 60 -1.49 -13.23 -3.04
N LEU A 61 -0.68 -13.99 -3.77
CA LEU A 61 -1.19 -14.91 -4.77
C LEU A 61 -2.11 -15.94 -4.12
N ALA A 62 -1.61 -16.64 -3.11
CA ALA A 62 -2.39 -17.65 -2.42
C ALA A 62 -3.73 -17.15 -1.89
N GLN A 63 -3.71 -16.04 -1.17
CA GLN A 63 -4.92 -15.48 -0.59
C GLN A 63 -5.98 -15.10 -1.63
N THR A 64 -5.54 -14.61 -2.78
CA THR A 64 -6.48 -14.20 -3.81
C THR A 64 -7.20 -15.40 -4.41
N PHE A 65 -6.45 -16.42 -4.84
CA PHE A 65 -7.07 -17.61 -5.42
C PHE A 65 -7.93 -18.34 -4.39
N ALA A 66 -7.50 -18.32 -3.14
CA ALA A 66 -8.23 -18.99 -2.06
C ALA A 66 -9.65 -18.46 -1.90
N THR A 67 -9.89 -17.22 -2.34
CA THR A 67 -11.22 -16.62 -2.27
C THR A 67 -12.12 -17.32 -3.29
N GLY A 68 -11.48 -18.09 -4.16
CA GLY A 68 -12.20 -18.84 -5.18
C GLY A 68 -13.05 -18.02 -6.12
N GLU A 69 -12.69 -16.75 -6.32
CA GLU A 69 -13.45 -15.90 -7.22
C GLU A 69 -12.74 -15.80 -8.56
N VAL A 70 -11.45 -16.09 -8.52
CA VAL A 70 -10.63 -16.05 -9.73
C VAL A 70 -10.55 -17.46 -10.28
N SER A 71 -11.51 -17.83 -11.13
CA SER A 71 -11.52 -19.20 -11.68
C SER A 71 -11.94 -19.36 -13.13
N GLY A 72 -11.65 -20.53 -13.69
CA GLY A 72 -11.99 -20.82 -15.08
C GLY A 72 -11.25 -22.01 -15.69
N ARG A 73 -11.02 -21.95 -17.00
CA ARG A 73 -10.34 -23.03 -17.72
C ARG A 73 -8.97 -22.64 -18.26
N THR A 74 -8.89 -21.45 -18.86
CA THR A 74 -7.64 -20.96 -19.44
C THR A 74 -7.03 -19.78 -18.66
N LEU A 75 -5.71 -19.74 -18.61
CA LEU A 75 -4.98 -18.68 -17.93
C LEU A 75 -3.72 -18.40 -18.72
N ILE A 76 -3.30 -17.12 -18.71
CA ILE A 76 -2.09 -16.70 -19.40
C ILE A 76 -1.17 -15.87 -18.52
N ASP A 77 0.11 -16.24 -18.53
CA ASP A 77 1.15 -15.56 -17.76
C ASP A 77 1.95 -14.71 -18.74
N ILE A 78 1.85 -13.38 -18.57
CA ILE A 78 2.54 -12.45 -19.45
C ILE A 78 3.93 -12.16 -18.95
N GLY A 79 4.92 -12.28 -19.83
CA GLY A 79 6.30 -12.01 -19.46
C GLY A 79 6.82 -12.87 -18.32
N SER A 80 6.57 -14.17 -18.44
CA SER A 80 7.00 -15.13 -17.42
C SER A 80 8.47 -14.96 -17.03
N GLY A 81 9.30 -14.64 -18.03
CA GLY A 81 10.72 -14.52 -17.78
C GLY A 81 11.18 -15.92 -17.49
N PRO A 82 12.20 -16.12 -16.66
CA PRO A 82 12.63 -17.49 -16.37
C PRO A 82 12.09 -18.02 -15.04
N THR A 83 11.03 -17.41 -14.53
CA THR A 83 10.48 -17.81 -13.23
C THR A 83 9.12 -18.49 -13.31
N VAL A 84 8.81 -19.32 -12.30
CA VAL A 84 7.54 -20.04 -12.29
C VAL A 84 6.67 -19.81 -11.04
N TYR A 85 7.28 -19.23 -10.00
CA TYR A 85 6.59 -18.98 -8.73
C TYR A 85 5.24 -18.27 -8.85
N GLN A 86 5.08 -17.45 -9.87
CA GLN A 86 3.83 -16.72 -10.02
C GLN A 86 2.64 -17.60 -10.35
N LEU A 87 2.89 -18.84 -10.80
CA LEU A 87 1.82 -19.76 -11.17
C LEU A 87 1.55 -20.88 -10.16
N LEU A 88 2.43 -21.04 -9.18
CA LEU A 88 2.30 -22.06 -8.14
C LEU A 88 0.89 -22.19 -7.53
N SER A 89 0.36 -21.12 -6.96
CA SER A 89 -0.97 -21.18 -6.36
C SER A 89 -2.00 -21.13 -7.47
N ALA A 90 -1.63 -20.52 -8.58
CA ALA A 90 -2.54 -20.36 -9.70
C ALA A 90 -2.96 -21.68 -10.35
N CYS A 91 -2.00 -22.56 -10.64
CA CYS A 91 -2.33 -23.80 -11.32
C CYS A 91 -3.48 -24.62 -10.76
N SER A 92 -3.71 -24.55 -9.45
CA SER A 92 -4.80 -25.30 -8.83
C SER A 92 -6.18 -24.92 -9.37
N HIS A 93 -6.30 -23.77 -10.03
CA HIS A 93 -7.59 -23.32 -10.52
C HIS A 93 -7.81 -23.22 -12.03
N PHE A 94 -6.77 -23.51 -12.83
CA PHE A 94 -6.88 -23.44 -14.27
C PHE A 94 -6.20 -24.63 -14.95
N GLU A 95 -6.96 -25.42 -15.70
CA GLU A 95 -6.38 -26.58 -16.37
C GLU A 95 -5.52 -26.22 -17.57
N ASP A 96 -5.78 -25.08 -18.20
CA ASP A 96 -4.99 -24.66 -19.34
C ASP A 96 -4.20 -23.38 -19.03
N ILE A 97 -2.91 -23.55 -18.79
CA ILE A 97 -2.03 -22.44 -18.46
C ILE A 97 -1.05 -22.13 -19.55
N THR A 98 -0.98 -20.86 -19.96
CA THR A 98 -0.07 -20.44 -21.03
C THR A 98 1.00 -19.45 -20.58
N MET A 99 2.26 -19.89 -20.58
CA MET A 99 3.34 -19.03 -20.16
C MET A 99 3.90 -18.30 -21.37
N THR A 100 4.46 -17.11 -21.17
CA THR A 100 5.00 -16.32 -22.29
C THR A 100 6.26 -15.53 -21.96
N ASP A 101 6.85 -14.92 -22.98
CA ASP A 101 8.02 -14.07 -22.83
C ASP A 101 8.73 -13.71 -24.12
N PHE A 102 9.03 -12.41 -24.24
CA PHE A 102 9.71 -11.82 -25.40
C PHE A 102 11.00 -12.54 -25.77
N LEU A 103 11.90 -12.70 -24.79
CA LEU A 103 13.18 -13.34 -25.05
C LEU A 103 13.10 -14.86 -25.14
N GLU A 104 13.81 -15.40 -26.13
CA GLU A 104 13.82 -16.84 -26.33
C GLU A 104 14.64 -17.48 -25.20
N VAL A 105 15.75 -16.85 -24.84
CA VAL A 105 16.61 -17.37 -23.77
C VAL A 105 15.82 -17.70 -22.51
N ASN A 106 14.74 -16.96 -22.26
CA ASN A 106 13.91 -17.23 -21.09
C ASN A 106 12.98 -18.40 -21.40
N ARG A 107 12.31 -18.35 -22.55
CA ARG A 107 11.40 -19.41 -22.93
C ARG A 107 12.16 -20.73 -22.85
N GLN A 108 13.44 -20.68 -23.19
CA GLN A 108 14.29 -21.87 -23.12
C GLN A 108 14.55 -22.20 -21.65
N GLU A 109 14.82 -21.17 -20.84
CA GLU A 109 15.10 -21.35 -19.41
C GLU A 109 13.92 -22.01 -18.73
N LEU A 110 12.70 -21.62 -19.09
CA LEU A 110 11.51 -22.22 -18.52
C LEU A 110 11.46 -23.71 -18.88
N GLY A 111 11.67 -23.99 -20.18
CA GLY A 111 11.66 -25.37 -20.67
C GLY A 111 12.54 -26.31 -19.86
N ARG A 112 13.72 -25.87 -19.47
CA ARG A 112 14.58 -26.72 -18.67
C ARG A 112 13.86 -27.17 -17.40
N TRP A 113 13.00 -26.30 -16.84
CA TRP A 113 12.28 -26.67 -15.63
C TRP A 113 11.03 -27.49 -15.95
N LEU A 114 10.29 -27.09 -17.00
CA LEU A 114 9.09 -27.83 -17.38
C LEU A 114 9.45 -29.27 -17.72
N GLN A 115 10.44 -29.44 -18.59
CA GLN A 115 10.87 -30.76 -19.03
C GLN A 115 11.89 -31.41 -18.13
N GLU A 116 12.11 -30.79 -16.97
CA GLU A 116 13.06 -31.31 -16.00
C GLU A 116 14.42 -31.62 -16.64
N GLU A 117 14.89 -30.68 -17.46
CA GLU A 117 16.16 -30.78 -18.14
C GLU A 117 17.35 -30.52 -17.22
N PRO A 118 18.57 -30.73 -17.72
CA PRO A 118 19.77 -30.49 -16.90
C PRO A 118 19.98 -29.02 -16.63
N GLY A 119 20.31 -28.69 -15.38
CA GLY A 119 20.57 -27.31 -15.01
C GLY A 119 19.37 -26.37 -14.91
N ALA A 120 18.16 -26.94 -14.79
CA ALA A 120 16.98 -26.10 -14.66
C ALA A 120 17.06 -25.42 -13.30
N PHE A 121 16.29 -24.34 -13.12
CA PHE A 121 16.34 -23.63 -11.83
C PHE A 121 15.62 -24.43 -10.74
N ASN A 122 16.11 -24.34 -9.52
CA ASN A 122 15.47 -25.07 -8.42
C ASN A 122 14.44 -24.22 -7.68
N TRP A 123 13.17 -24.53 -7.91
CA TRP A 123 12.08 -23.80 -7.28
C TRP A 123 11.50 -24.48 -6.04
N SER A 124 12.20 -25.51 -5.55
CA SER A 124 11.77 -26.27 -4.37
C SER A 124 11.19 -25.40 -3.28
N MET A 125 12.04 -24.51 -2.73
CA MET A 125 11.64 -23.62 -1.66
C MET A 125 10.36 -22.85 -1.94
N TYR A 126 10.21 -22.36 -3.17
CA TYR A 126 9.01 -21.63 -3.52
C TYR A 126 7.82 -22.57 -3.52
N SER A 127 7.98 -23.71 -4.19
CA SER A 127 6.90 -24.69 -4.25
C SER A 127 6.47 -25.07 -2.83
N GLN A 128 7.46 -25.31 -1.97
CA GLN A 128 7.16 -25.66 -0.58
C GLN A 128 6.36 -24.58 0.11
N HIS A 129 6.83 -23.34 0.09
CA HIS A 129 6.09 -22.28 0.75
C HIS A 129 4.72 -22.03 0.16
N ALA A 130 4.56 -22.35 -1.12
CA ALA A 130 3.25 -22.18 -1.73
C ALA A 130 2.37 -23.20 -1.04
N CYS A 131 2.92 -24.41 -0.85
CA CYS A 131 2.20 -25.49 -0.18
C CYS A 131 1.92 -25.20 1.30
N LEU A 132 2.87 -24.60 2.01
CA LEU A 132 2.65 -24.24 3.42
C LEU A 132 1.50 -23.27 3.49
N ILE A 133 1.64 -22.14 2.81
CA ILE A 133 0.64 -21.08 2.76
C ILE A 133 -0.74 -21.57 2.33
N GLU A 134 -0.80 -22.41 1.31
CA GLU A 134 -2.08 -22.93 0.89
C GLU A 134 -2.73 -23.80 1.97
N GLY A 135 -1.90 -24.50 2.75
CA GLY A 135 -2.41 -25.36 3.82
C GLY A 135 -3.32 -26.51 3.42
N LYS A 136 -3.12 -27.08 2.23
CA LYS A 136 -3.94 -28.19 1.79
C LYS A 136 -3.23 -29.51 2.10
N GLY A 137 -2.13 -29.43 2.83
CA GLY A 137 -1.38 -30.64 3.18
C GLY A 137 -0.75 -31.27 1.95
N GLU A 138 -0.69 -30.49 0.88
CA GLU A 138 -0.13 -30.95 -0.38
C GLU A 138 1.39 -30.94 -0.31
N CYS A 139 2.02 -31.91 -0.95
CA CYS A 139 3.47 -31.98 -0.95
C CYS A 139 3.93 -31.16 -2.14
N TRP A 140 5.13 -30.59 -2.06
CA TRP A 140 5.64 -29.76 -3.14
C TRP A 140 5.82 -30.52 -4.44
N GLN A 141 6.20 -31.79 -4.34
CA GLN A 141 6.38 -32.63 -5.52
C GLN A 141 5.08 -32.66 -6.34
N ASP A 142 3.96 -32.78 -5.65
CA ASP A 142 2.65 -32.83 -6.32
C ASP A 142 2.28 -31.53 -6.99
N LYS A 143 2.62 -30.41 -6.35
CA LYS A 143 2.30 -29.10 -6.90
C LYS A 143 3.15 -28.85 -8.14
N GLU A 144 4.45 -29.11 -8.05
CA GLU A 144 5.33 -28.91 -9.18
C GLU A 144 4.89 -29.77 -10.36
N ARG A 145 4.34 -30.94 -10.03
CA ARG A 145 3.86 -31.88 -11.04
C ARG A 145 2.60 -31.31 -11.70
N GLN A 146 1.74 -30.67 -10.90
CA GLN A 146 0.52 -30.08 -11.42
C GLN A 146 0.79 -28.85 -12.26
N LEU A 147 1.82 -28.10 -11.89
CA LEU A 147 2.18 -26.90 -12.65
C LEU A 147 2.75 -27.35 -14.00
N ARG A 148 3.76 -28.21 -13.93
CA ARG A 148 4.37 -28.72 -15.14
C ARG A 148 3.32 -29.31 -16.08
N ALA A 149 2.28 -29.90 -15.49
CA ALA A 149 1.22 -30.52 -16.26
C ALA A 149 0.28 -29.54 -16.95
N ARG A 150 -0.27 -28.59 -16.19
CA ARG A 150 -1.21 -27.63 -16.76
C ARG A 150 -0.59 -26.53 -17.65
N VAL A 151 0.74 -26.49 -17.71
CA VAL A 151 1.42 -25.52 -18.58
C VAL A 151 1.50 -26.21 -19.94
N LYS A 152 0.62 -25.82 -20.84
CA LYS A 152 0.57 -26.40 -22.19
C LYS A 152 1.68 -25.92 -23.12
N ARG A 153 1.89 -24.61 -23.19
CA ARG A 153 2.93 -24.05 -24.06
C ARG A 153 3.61 -22.80 -23.51
N VAL A 154 4.79 -22.50 -24.05
CA VAL A 154 5.55 -21.32 -23.68
C VAL A 154 5.73 -20.49 -24.98
N LEU A 155 4.80 -19.55 -25.19
CA LEU A 155 4.80 -18.71 -26.38
C LEU A 155 5.52 -17.37 -26.30
N PRO A 156 6.09 -16.91 -27.44
CA PRO A 156 6.79 -15.62 -27.45
C PRO A 156 5.74 -14.52 -27.41
N ILE A 157 6.04 -13.42 -26.73
CA ILE A 157 5.09 -12.32 -26.59
C ILE A 157 5.75 -10.94 -26.55
N ASP A 158 5.01 -9.93 -27.03
CA ASP A 158 5.45 -8.54 -27.03
C ASP A 158 4.26 -7.69 -26.60
N VAL A 159 4.34 -7.16 -25.38
CA VAL A 159 3.27 -6.35 -24.83
C VAL A 159 3.10 -5.04 -25.59
N HIS A 160 4.13 -4.68 -26.37
CA HIS A 160 4.11 -3.45 -27.16
C HIS A 160 3.25 -3.54 -28.40
N GLN A 161 2.98 -4.76 -28.87
CA GLN A 161 2.15 -4.93 -30.05
C GLN A 161 0.68 -4.85 -29.59
N PRO A 162 -0.18 -4.20 -30.39
CA PRO A 162 -1.61 -4.06 -30.06
C PRO A 162 -2.30 -5.42 -29.90
N GLN A 163 -1.73 -6.43 -30.54
CA GLN A 163 -2.21 -7.79 -30.47
C GLN A 163 -0.96 -8.57 -30.05
N PRO A 164 -0.66 -8.56 -28.73
CA PRO A 164 0.49 -9.22 -28.08
C PRO A 164 1.04 -10.44 -28.79
N LEU A 165 2.14 -10.22 -29.53
CA LEU A 165 2.83 -11.23 -30.34
C LEU A 165 1.99 -12.50 -30.55
N GLY A 166 0.75 -12.31 -30.99
CA GLY A 166 -0.14 -13.42 -31.24
C GLY A 166 -1.11 -13.09 -32.34
N ALA A 167 -0.69 -13.34 -33.59
CA ALA A 167 -1.54 -13.09 -34.76
C ALA A 167 -2.60 -14.19 -34.79
N GLY A 168 -2.14 -15.43 -34.65
CA GLY A 168 -3.01 -16.58 -34.63
C GLY A 168 -2.36 -17.53 -33.64
N SER A 169 -2.28 -17.08 -32.39
CA SER A 169 -1.64 -17.82 -31.30
C SER A 169 -2.42 -19.03 -30.78
N PRO A 170 -1.70 -20.13 -30.50
CA PRO A 170 -2.27 -21.38 -29.99
C PRO A 170 -3.05 -21.15 -28.69
N ALA A 171 -2.70 -20.08 -27.99
CA ALA A 171 -3.35 -19.72 -26.73
C ALA A 171 -4.86 -19.58 -26.86
N PRO A 172 -5.61 -20.23 -25.98
CA PRO A 172 -7.07 -20.12 -26.06
C PRO A 172 -7.46 -18.69 -25.71
N LEU A 173 -8.10 -18.00 -26.64
CA LEU A 173 -8.52 -16.63 -26.35
C LEU A 173 -10.04 -16.54 -26.43
N PRO A 174 -10.64 -15.69 -25.56
CA PRO A 174 -9.93 -14.89 -24.58
C PRO A 174 -9.67 -15.71 -23.31
N ALA A 175 -8.51 -15.50 -22.68
CA ALA A 175 -8.18 -16.23 -21.47
C ALA A 175 -9.20 -15.86 -20.39
N ASP A 176 -9.37 -16.72 -19.39
CA ASP A 176 -10.31 -16.47 -18.30
C ASP A 176 -9.65 -15.64 -17.20
N ALA A 177 -8.32 -15.61 -17.21
CA ALA A 177 -7.54 -14.86 -16.23
C ALA A 177 -6.12 -14.55 -16.75
N LEU A 178 -5.48 -13.56 -16.14
CA LEU A 178 -4.12 -13.16 -16.51
C LEU A 178 -3.25 -12.97 -15.29
N VAL A 179 -1.94 -13.17 -15.46
CA VAL A 179 -0.99 -12.99 -14.38
C VAL A 179 0.30 -12.40 -14.93
N SER A 180 0.79 -11.36 -14.27
CA SER A 180 2.05 -10.76 -14.71
C SER A 180 2.85 -10.23 -13.54
N ALA A 181 4.10 -10.66 -13.47
CA ALA A 181 5.04 -10.27 -12.41
C ALA A 181 6.26 -9.56 -12.97
N PHE A 182 6.44 -8.31 -12.56
CA PHE A 182 7.57 -7.52 -12.99
C PHE A 182 7.82 -7.45 -14.51
N CYS A 183 6.75 -7.31 -15.30
CA CYS A 183 6.93 -7.21 -16.74
C CYS A 183 6.75 -5.78 -17.21
N LEU A 184 5.50 -5.39 -17.41
CA LEU A 184 5.21 -4.03 -17.88
C LEU A 184 6.18 -2.94 -17.44
N GLU A 185 6.29 -2.66 -16.15
CA GLU A 185 7.19 -1.61 -15.71
C GLU A 185 8.59 -1.74 -16.27
N ALA A 186 9.06 -2.98 -16.43
CA ALA A 186 10.42 -3.24 -16.92
C ALA A 186 10.59 -3.27 -18.43
N VAL A 187 9.49 -3.13 -19.16
CA VAL A 187 9.59 -3.17 -20.63
C VAL A 187 9.26 -1.82 -21.27
N SER A 188 8.52 -0.99 -20.54
CA SER A 188 8.16 0.33 -21.07
C SER A 188 9.09 1.42 -20.52
N PRO A 189 9.40 2.43 -21.35
CA PRO A 189 10.29 3.55 -20.97
C PRO A 189 9.60 4.68 -20.21
N ASP A 190 8.28 4.77 -20.30
CA ASP A 190 7.56 5.82 -19.58
C ASP A 190 6.17 5.40 -19.19
N LEU A 191 5.54 6.17 -18.32
CA LEU A 191 4.20 5.86 -17.84
C LEU A 191 3.20 5.58 -18.97
N ALA A 192 3.34 6.29 -20.09
CA ALA A 192 2.44 6.11 -21.23
C ALA A 192 2.59 4.74 -21.89
N SER A 193 3.83 4.30 -22.11
CA SER A 193 4.06 2.98 -22.73
C SER A 193 3.37 1.99 -21.80
N PHE A 194 3.67 2.12 -20.52
CA PHE A 194 3.12 1.27 -19.48
C PHE A 194 1.62 1.14 -19.65
N GLN A 195 0.94 2.28 -19.74
CA GLN A 195 -0.52 2.32 -19.88
C GLN A 195 -0.98 1.60 -21.14
N ARG A 196 -0.32 1.88 -22.26
CA ARG A 196 -0.70 1.25 -23.51
C ARG A 196 -0.48 -0.26 -23.45
N ALA A 197 0.64 -0.67 -22.85
CA ALA A 197 0.97 -2.09 -22.71
C ALA A 197 -0.08 -2.80 -21.86
N LEU A 198 -0.64 -2.10 -20.88
CA LEU A 198 -1.68 -2.68 -20.04
C LEU A 198 -2.94 -2.84 -20.88
N ASP A 199 -3.20 -1.86 -21.75
CA ASP A 199 -4.35 -1.94 -22.63
C ASP A 199 -4.21 -3.14 -23.55
N HIS A 200 -3.01 -3.27 -24.13
CA HIS A 200 -2.72 -4.36 -25.04
C HIS A 200 -3.06 -5.71 -24.44
N ILE A 201 -2.45 -6.02 -23.30
CA ILE A 201 -2.69 -7.30 -22.66
C ILE A 201 -4.15 -7.43 -22.20
N THR A 202 -4.75 -6.32 -21.79
CA THR A 202 -6.13 -6.35 -21.31
C THR A 202 -7.08 -6.89 -22.37
N THR A 203 -6.64 -6.82 -23.63
CA THR A 203 -7.44 -7.29 -24.75
C THR A 203 -7.55 -8.81 -24.79
N LEU A 204 -6.56 -9.46 -24.18
CA LEU A 204 -6.48 -10.92 -24.10
C LEU A 204 -7.37 -11.47 -22.99
N LEU A 205 -7.89 -10.58 -22.17
CA LEU A 205 -8.72 -10.99 -21.05
C LEU A 205 -10.21 -10.89 -21.30
N ARG A 206 -10.88 -12.03 -21.17
CA ARG A 206 -12.32 -12.11 -21.32
C ARG A 206 -12.98 -11.16 -20.32
N PRO A 207 -14.00 -10.42 -20.76
CA PRO A 207 -14.66 -9.49 -19.84
C PRO A 207 -15.10 -10.23 -18.58
N GLY A 208 -15.07 -9.55 -17.44
CA GLY A 208 -15.45 -10.19 -16.20
C GLY A 208 -14.29 -11.04 -15.72
N GLY A 209 -13.23 -11.09 -16.54
CA GLY A 209 -12.05 -11.86 -16.22
C GLY A 209 -11.26 -11.30 -15.05
N HIS A 210 -10.16 -11.95 -14.70
CA HIS A 210 -9.35 -11.50 -13.58
C HIS A 210 -7.90 -11.32 -13.92
N LEU A 211 -7.30 -10.29 -13.33
CA LEU A 211 -5.90 -9.98 -13.57
C LEU A 211 -5.16 -9.88 -12.25
N LEU A 212 -4.01 -10.56 -12.19
CA LEU A 212 -3.17 -10.52 -11.01
C LEU A 212 -1.85 -9.90 -11.43
N LEU A 213 -1.67 -8.63 -11.07
CA LEU A 213 -0.48 -7.90 -11.44
C LEU A 213 0.51 -7.70 -10.29
N ILE A 214 1.75 -8.07 -10.53
CA ILE A 214 2.80 -7.89 -9.54
C ILE A 214 3.87 -7.05 -10.26
N GLY A 215 4.53 -6.15 -9.53
CA GLY A 215 5.56 -5.34 -10.15
C GLY A 215 6.41 -4.56 -9.19
N ALA A 216 7.36 -3.80 -9.74
CA ALA A 216 8.27 -2.99 -8.94
C ALA A 216 7.70 -1.57 -8.78
N LEU A 217 7.80 -1.05 -7.57
CA LEU A 217 7.31 0.28 -7.25
C LEU A 217 8.49 1.25 -7.19
N GLU A 218 8.40 2.34 -7.96
CA GLU A 218 9.45 3.35 -7.98
C GLU A 218 10.83 2.81 -8.33
N GLU A 219 10.89 1.89 -9.28
CA GLU A 219 12.17 1.32 -9.70
C GLU A 219 12.59 1.96 -11.02
N SER A 220 13.89 2.17 -11.19
CA SER A 220 14.37 2.80 -12.41
C SER A 220 15.34 1.94 -13.21
N TRP A 221 16.05 1.06 -12.53
CA TRP A 221 17.01 0.19 -13.21
C TRP A 221 17.24 -1.09 -12.43
N TYR A 222 17.71 -2.12 -13.14
CA TYR A 222 18.03 -3.40 -12.51
C TYR A 222 18.94 -4.18 -13.43
N LEU A 223 19.91 -4.88 -12.83
CA LEU A 223 20.87 -5.67 -13.58
C LEU A 223 20.38 -7.08 -13.83
N ALA A 224 21.00 -7.73 -14.80
CA ALA A 224 20.65 -9.10 -15.19
C ALA A 224 21.83 -9.57 -15.99
N GLY A 225 22.99 -9.64 -15.34
CA GLY A 225 24.19 -10.05 -16.04
C GLY A 225 24.80 -8.81 -16.69
N GLU A 226 25.03 -8.84 -18.00
CA GLU A 226 25.60 -7.68 -18.67
C GLU A 226 24.54 -6.67 -19.03
N ALA A 227 23.28 -7.10 -19.05
CA ALA A 227 22.19 -6.20 -19.38
C ALA A 227 21.96 -5.25 -18.21
N ARG A 228 21.59 -4.01 -18.53
CA ARG A 228 21.31 -2.98 -17.54
C ARG A 228 20.04 -2.29 -18.04
N LEU A 229 18.91 -2.84 -17.62
CA LEU A 229 17.59 -2.35 -18.03
C LEU A 229 17.14 -1.05 -17.39
N THR A 230 16.63 -0.15 -18.23
CA THR A 230 16.13 1.13 -17.75
C THR A 230 14.64 0.92 -17.64
N VAL A 231 14.08 1.22 -16.48
CA VAL A 231 12.66 1.01 -16.27
C VAL A 231 11.92 2.19 -15.69
N VAL A 232 10.60 2.16 -15.81
CA VAL A 232 9.76 3.25 -15.32
C VAL A 232 9.38 3.20 -13.86
N PRO A 233 9.81 4.21 -13.08
CA PRO A 233 9.44 4.18 -11.67
C PRO A 233 7.99 4.60 -11.57
N VAL A 234 7.14 3.69 -11.10
CA VAL A 234 5.71 3.97 -10.94
C VAL A 234 5.35 3.95 -9.46
N SER A 235 4.13 4.41 -9.14
CA SER A 235 3.66 4.41 -7.77
C SER A 235 2.36 3.64 -7.65
N GLU A 236 2.05 3.20 -6.44
CA GLU A 236 0.82 2.46 -6.21
C GLU A 236 -0.37 3.19 -6.80
N GLU A 237 -0.30 4.52 -6.79
CA GLU A 237 -1.37 5.35 -7.30
C GLU A 237 -1.40 5.41 -8.82
N GLU A 238 -0.23 5.47 -9.43
CA GLU A 238 -0.18 5.51 -10.89
C GLU A 238 -0.74 4.17 -11.38
N VAL A 239 -0.23 3.09 -10.81
CA VAL A 239 -0.68 1.75 -11.17
C VAL A 239 -2.20 1.66 -11.01
N ARG A 240 -2.73 2.07 -9.87
CA ARG A 240 -4.17 2.00 -9.67
C ARG A 240 -4.85 2.71 -10.83
N GLU A 241 -4.50 3.98 -11.03
CA GLU A 241 -5.09 4.78 -12.10
C GLU A 241 -4.96 4.04 -13.43
N ALA A 242 -3.76 3.54 -13.72
CA ALA A 242 -3.52 2.81 -14.97
C ALA A 242 -4.52 1.66 -15.09
N LEU A 243 -4.75 0.96 -13.98
CA LEU A 243 -5.68 -0.16 -13.96
C LEU A 243 -7.08 0.34 -14.24
N VAL A 244 -7.50 1.40 -13.56
CA VAL A 244 -8.83 1.94 -13.78
C VAL A 244 -8.99 2.43 -15.21
N ARG A 245 -7.95 3.08 -15.73
CA ARG A 245 -7.99 3.60 -17.10
C ARG A 245 -8.18 2.47 -18.11
N SER A 246 -7.49 1.34 -17.90
CA SER A 246 -7.62 0.21 -18.82
C SER A 246 -8.94 -0.53 -18.71
N GLY A 247 -9.83 -0.07 -17.83
CA GLY A 247 -11.12 -0.70 -17.69
C GLY A 247 -11.20 -1.84 -16.69
N TYR A 248 -10.66 -1.61 -15.50
CA TYR A 248 -10.67 -2.63 -14.45
C TYR A 248 -11.36 -2.12 -13.21
N LYS A 249 -11.73 -3.05 -12.36
CA LYS A 249 -12.35 -2.75 -11.08
C LYS A 249 -11.26 -3.24 -10.11
N VAL A 250 -10.43 -2.32 -9.64
CA VAL A 250 -9.36 -2.71 -8.73
C VAL A 250 -9.97 -3.38 -7.51
N ARG A 251 -9.85 -4.71 -7.44
CA ARG A 251 -10.39 -5.47 -6.32
C ARG A 251 -9.47 -5.34 -5.10
N ASP A 252 -8.17 -5.46 -5.32
CA ASP A 252 -7.22 -5.39 -4.23
C ASP A 252 -5.87 -4.86 -4.72
N LEU A 253 -5.27 -3.97 -3.94
CA LEU A 253 -3.97 -3.39 -4.31
C LEU A 253 -3.15 -3.15 -3.06
N ARG A 254 -2.08 -3.92 -2.90
CA ARG A 254 -1.21 -3.79 -1.74
C ARG A 254 0.22 -3.48 -2.13
N THR A 255 1.00 -3.05 -1.15
CA THR A 255 2.39 -2.74 -1.37
C THR A 255 3.28 -3.18 -0.23
N TYR A 256 4.39 -3.80 -0.61
CA TYR A 256 5.39 -4.30 0.32
C TYR A 256 6.56 -3.32 0.21
N ILE A 257 7.08 -2.86 1.33
CA ILE A 257 8.21 -1.94 1.26
C ILE A 257 9.48 -2.78 1.38
N MET A 258 10.38 -2.65 0.40
CA MET A 258 11.60 -3.45 0.45
C MET A 258 12.41 -3.07 1.66
N PRO A 259 12.75 -4.05 2.49
CA PRO A 259 13.54 -3.75 3.69
C PRO A 259 14.96 -3.40 3.24
N ALA A 260 15.79 -2.92 4.17
CA ALA A 260 17.16 -2.57 3.85
C ALA A 260 17.94 -3.84 3.48
N HIS A 261 17.75 -4.90 4.26
CA HIS A 261 18.44 -6.17 4.02
C HIS A 261 18.23 -6.77 2.63
N LEU A 262 17.10 -6.47 1.99
CA LEU A 262 16.83 -7.00 0.66
C LEU A 262 17.21 -6.01 -0.42
N GLN A 263 17.76 -4.89 0.01
CA GLN A 263 18.21 -3.86 -0.90
C GLN A 263 19.65 -4.21 -1.19
N THR A 264 19.87 -4.92 -2.28
CA THR A 264 21.21 -5.29 -2.67
C THR A 264 21.52 -4.35 -3.81
N GLY A 265 22.66 -4.53 -4.47
CA GLY A 265 23.00 -3.63 -5.55
C GLY A 265 22.58 -4.07 -6.94
N VAL A 266 21.54 -4.90 -7.03
CA VAL A 266 21.08 -5.39 -8.34
C VAL A 266 20.02 -4.50 -8.96
N ASP A 267 19.52 -3.54 -8.20
CA ASP A 267 18.52 -2.62 -8.71
C ASP A 267 18.22 -1.57 -7.65
N ASP A 268 17.22 -0.73 -7.87
CA ASP A 268 16.92 0.29 -6.89
C ASP A 268 15.45 0.32 -6.46
N VAL A 269 14.79 -0.85 -6.49
CA VAL A 269 13.38 -0.96 -6.10
C VAL A 269 13.13 -0.31 -4.75
N LYS A 270 11.96 0.32 -4.61
CA LYS A 270 11.59 0.96 -3.34
C LYS A 270 10.60 0.07 -2.60
N GLY A 271 9.80 -0.65 -3.38
CA GLY A 271 8.80 -1.55 -2.84
C GLY A 271 8.23 -2.40 -3.97
N VAL A 272 7.26 -3.24 -3.65
CA VAL A 272 6.64 -4.09 -4.66
C VAL A 272 5.14 -4.02 -4.46
N PHE A 273 4.39 -4.04 -5.57
CA PHE A 273 2.94 -3.96 -5.49
C PHE A 273 2.24 -5.20 -6.01
N PHE A 274 1.08 -5.48 -5.44
CA PHE A 274 0.24 -6.59 -5.88
C PHE A 274 -1.14 -6.03 -6.23
N ALA A 275 -1.64 -6.37 -7.42
CA ALA A 275 -2.95 -5.88 -7.86
C ALA A 275 -3.89 -6.98 -8.34
N TRP A 276 -5.09 -7.01 -7.77
CA TRP A 276 -6.11 -7.96 -8.16
C TRP A 276 -7.17 -7.12 -8.86
N ALA A 277 -7.17 -7.17 -10.19
CA ALA A 277 -8.12 -6.39 -10.95
C ALA A 277 -9.13 -7.23 -11.71
N GLN A 278 -10.28 -6.62 -11.97
CA GLN A 278 -11.36 -7.29 -12.69
C GLN A 278 -11.76 -6.54 -13.97
N LYS A 279 -11.70 -7.23 -15.10
CA LYS A 279 -12.08 -6.58 -16.35
C LYS A 279 -13.56 -6.35 -16.27
N VAL A 280 -13.93 -5.14 -15.88
CA VAL A 280 -15.33 -4.77 -15.74
C VAL A 280 -16.11 -4.89 -17.04
N GLY A 281 -17.05 -5.82 -17.05
CA GLY A 281 -17.89 -6.03 -18.21
C GLY A 281 -19.16 -5.21 -18.05
N LEU A 282 -19.30 -4.17 -18.87
CA LEU A 282 -20.46 -3.28 -18.83
C LEU A 282 -21.06 -3.08 -20.22
N PRO B 14 0.91 -9.63 29.49
CA PRO B 14 1.90 -9.13 30.47
C PRO B 14 1.48 -7.80 31.08
N ASP B 15 2.49 -7.06 31.55
CA ASP B 15 2.23 -5.75 32.16
C ASP B 15 2.19 -4.70 31.05
N SER B 16 1.19 -3.81 31.13
CA SER B 16 1.04 -2.76 30.13
C SER B 16 1.54 -1.40 30.62
N ALA B 17 1.41 -1.17 31.93
CA ALA B 17 1.81 0.08 32.55
C ALA B 17 3.25 0.57 32.24
N PRO B 18 4.26 -0.32 32.31
CA PRO B 18 5.66 0.04 32.04
C PRO B 18 5.91 0.77 30.72
N GLY B 19 5.53 0.15 29.62
CA GLY B 19 5.72 0.78 28.33
C GLY B 19 4.99 2.10 28.27
N GLN B 20 3.73 2.07 28.70
CA GLN B 20 2.90 3.26 28.73
C GLN B 20 3.59 4.40 29.45
N ALA B 21 4.11 4.10 30.64
CA ALA B 21 4.82 5.08 31.44
C ALA B 21 5.97 5.66 30.62
N ALA B 22 6.67 4.78 29.92
CA ALA B 22 7.80 5.17 29.08
C ALA B 22 7.35 6.19 28.04
N VAL B 23 6.26 5.87 27.35
CA VAL B 23 5.67 6.73 26.33
C VAL B 23 5.28 8.07 26.93
N ALA B 24 4.48 8.02 27.99
CA ALA B 24 4.02 9.22 28.67
C ALA B 24 5.22 10.07 29.05
N SER B 25 6.26 9.42 29.57
CA SER B 25 7.47 10.13 29.95
C SER B 25 8.08 10.86 28.73
N ALA B 26 8.36 10.09 27.70
CA ALA B 26 8.96 10.62 26.49
C ALA B 26 8.24 11.85 25.98
N TYR B 27 6.92 11.80 25.93
CA TYR B 27 6.13 12.92 25.40
C TYR B 27 6.16 14.20 26.21
N GLN B 28 6.61 14.12 27.46
CA GLN B 28 6.70 15.32 28.28
C GLN B 28 7.76 16.28 27.76
N ARG B 29 8.48 15.87 26.73
CA ARG B 29 9.51 16.71 26.13
C ARG B 29 9.15 17.09 24.70
N PHE B 30 7.90 16.80 24.32
CA PHE B 30 7.35 17.07 22.98
C PHE B 30 7.21 18.57 22.74
N GLU B 31 7.77 19.06 21.64
CA GLU B 31 7.70 20.48 21.27
C GLU B 31 6.83 20.71 20.03
N PRO B 32 5.55 21.10 20.23
CA PRO B 32 4.64 21.35 19.11
C PRO B 32 5.25 22.09 17.93
N ARG B 33 5.83 23.26 18.18
CA ARG B 33 6.42 24.05 17.11
C ARG B 33 7.50 23.30 16.32
N ALA B 34 8.39 22.63 17.02
CA ALA B 34 9.45 21.88 16.35
C ALA B 34 8.84 20.80 15.47
N TYR B 35 7.83 20.11 16.02
CA TYR B 35 7.10 19.05 15.32
C TYR B 35 6.48 19.61 14.05
N LEU B 36 5.76 20.72 14.20
CA LEU B 36 5.10 21.39 13.08
C LEU B 36 6.09 21.78 12.01
N ARG B 37 7.23 22.31 12.45
CA ARG B 37 8.27 22.74 11.52
C ARG B 37 8.83 21.57 10.71
N ASN B 38 9.03 20.44 11.38
CA ASN B 38 9.60 19.25 10.75
C ASN B 38 8.67 18.49 9.82
N ASN B 39 7.39 18.47 10.14
CA ASN B 39 6.44 17.72 9.35
C ASN B 39 5.43 18.49 8.50
N TYR B 40 5.25 19.78 8.78
CA TYR B 40 4.30 20.55 8.02
C TYR B 40 4.83 21.82 7.39
N ALA B 41 6.14 22.01 7.49
CA ALA B 41 6.79 23.15 6.86
C ALA B 41 7.56 22.54 5.69
N PRO B 42 8.01 23.35 4.73
CA PRO B 42 8.75 22.74 3.62
C PRO B 42 9.99 21.97 4.07
N PRO B 43 10.43 20.96 3.30
CA PRO B 43 9.87 20.48 2.03
C PRO B 43 8.60 19.62 2.19
N ARG B 44 8.44 18.97 3.32
CA ARG B 44 7.25 18.16 3.51
C ARG B 44 6.00 19.03 3.47
N GLY B 45 6.16 20.28 3.90
CA GLY B 45 5.06 21.22 3.93
C GLY B 45 4.85 21.93 2.62
N ASP B 46 5.57 21.52 1.58
CA ASP B 46 5.42 22.14 0.28
C ASP B 46 4.34 21.39 -0.45
N LEU B 47 3.17 21.99 -0.59
CA LEU B 47 2.09 21.30 -1.26
C LEU B 47 2.13 21.54 -2.76
N CYS B 48 3.23 22.10 -3.24
CA CYS B 48 3.37 22.35 -4.65
C CYS B 48 3.65 21.07 -5.42
N ASN B 49 4.61 20.30 -4.91
CA ASN B 49 4.98 19.03 -5.55
C ASN B 49 3.76 18.12 -5.51
N PRO B 50 3.24 17.74 -6.69
CA PRO B 50 2.06 16.85 -6.76
C PRO B 50 2.38 15.47 -6.24
N ASN B 51 3.67 15.14 -6.24
CA ASN B 51 4.10 13.84 -5.79
C ASN B 51 4.68 13.84 -4.39
N GLY B 52 4.18 14.76 -3.55
CA GLY B 52 4.64 14.85 -2.17
C GLY B 52 3.64 14.23 -1.22
N VAL B 53 4.01 14.16 0.06
CA VAL B 53 3.15 13.55 1.09
C VAL B 53 1.91 14.37 1.43
N GLY B 54 2.07 15.68 1.46
CA GLY B 54 0.94 16.53 1.79
C GLY B 54 -0.18 16.30 0.78
N PRO B 55 0.14 16.52 -0.50
CA PRO B 55 -0.89 16.31 -1.50
C PRO B 55 -1.49 14.92 -1.36
N TRP B 56 -0.64 13.91 -1.21
CA TRP B 56 -1.13 12.55 -1.09
C TRP B 56 -2.11 12.38 0.06
N LYS B 57 -1.74 12.88 1.24
CA LYS B 57 -2.63 12.78 2.40
C LYS B 57 -3.98 13.48 2.14
N LEU B 58 -3.91 14.76 1.76
CA LEU B 58 -5.12 15.52 1.51
C LEU B 58 -5.98 14.87 0.46
N ARG B 59 -5.34 14.30 -0.56
CA ARG B 59 -6.05 13.64 -1.65
C ARG B 59 -6.81 12.43 -1.11
N CYS B 60 -6.19 11.67 -0.23
CA CYS B 60 -6.84 10.49 0.32
C CYS B 60 -8.06 10.91 1.10
N LEU B 61 -7.90 11.92 1.94
CA LEU B 61 -9.01 12.40 2.75
C LEU B 61 -10.11 12.92 1.86
N ALA B 62 -9.76 13.81 0.94
CA ALA B 62 -10.71 14.41 0.00
C ALA B 62 -11.48 13.36 -0.80
N GLN B 63 -10.76 12.54 -1.55
CA GLN B 63 -11.38 11.49 -2.35
C GLN B 63 -12.37 10.66 -1.55
N THR B 64 -12.03 10.34 -0.30
CA THR B 64 -12.91 9.53 0.54
C THR B 64 -14.23 10.22 0.91
N PHE B 65 -14.17 11.43 1.44
CA PHE B 65 -15.40 12.12 1.79
C PHE B 65 -16.22 12.42 0.53
N ALA B 66 -15.55 12.53 -0.61
CA ALA B 66 -16.21 12.82 -1.87
C ALA B 66 -17.19 11.71 -2.28
N THR B 67 -16.95 10.48 -1.79
CA THR B 67 -17.83 9.37 -2.11
C THR B 67 -19.13 9.52 -1.36
N GLY B 68 -19.19 10.52 -0.47
CA GLY B 68 -20.39 10.76 0.31
C GLY B 68 -20.78 9.63 1.25
N GLU B 69 -19.97 8.59 1.33
CA GLU B 69 -20.30 7.46 2.20
C GLU B 69 -19.98 7.68 3.68
N VAL B 70 -19.14 8.68 3.97
CA VAL B 70 -18.80 8.96 5.36
C VAL B 70 -19.48 10.27 5.77
N SER B 71 -20.54 10.14 6.55
CA SER B 71 -21.29 11.30 6.97
C SER B 71 -21.96 11.10 8.31
N GLY B 72 -22.68 12.12 8.77
CA GLY B 72 -23.34 12.04 10.05
C GLY B 72 -23.28 13.35 10.80
N ARG B 73 -23.48 13.32 12.11
CA ARG B 73 -23.43 14.53 12.89
C ARG B 73 -22.13 14.66 13.69
N THR B 74 -21.71 13.56 14.30
CA THR B 74 -20.52 13.54 15.15
C THR B 74 -19.24 12.90 14.59
N LEU B 75 -18.13 13.59 14.81
CA LEU B 75 -16.84 13.10 14.38
C LEU B 75 -15.81 13.41 15.46
N ILE B 76 -14.89 12.48 15.68
CA ILE B 76 -13.83 12.67 16.67
C ILE B 76 -12.47 12.43 16.04
N ASP B 77 -11.55 13.34 16.31
CA ASP B 77 -10.18 13.27 15.80
C ASP B 77 -9.28 12.76 16.92
N ILE B 78 -8.83 11.51 16.80
CA ILE B 78 -7.99 10.90 17.84
C ILE B 78 -6.53 11.33 17.77
N GLY B 79 -6.03 11.93 18.85
CA GLY B 79 -4.64 12.36 18.85
C GLY B 79 -4.36 13.44 17.83
N SER B 80 -5.18 14.48 17.83
CA SER B 80 -5.06 15.61 16.90
C SER B 80 -3.67 16.21 16.80
N GLY B 81 -2.97 16.27 17.93
CA GLY B 81 -1.64 16.87 17.96
C GLY B 81 -1.79 18.37 17.77
N PRO B 82 -0.83 19.06 17.16
CA PRO B 82 -1.01 20.49 16.97
C PRO B 82 -1.41 20.74 15.52
N THR B 83 -2.03 19.73 14.89
CA THR B 83 -2.41 19.85 13.49
C THR B 83 -3.90 19.95 13.21
N VAL B 84 -4.21 20.43 12.01
CA VAL B 84 -5.58 20.65 11.58
C VAL B 84 -5.90 20.06 10.19
N TYR B 85 -4.90 19.99 9.32
CA TYR B 85 -5.05 19.47 7.96
C TYR B 85 -5.91 18.21 7.81
N GLN B 86 -5.94 17.36 8.84
CA GLN B 86 -6.69 16.11 8.77
C GLN B 86 -8.20 16.29 8.87
N LEU B 87 -8.64 17.52 9.14
CA LEU B 87 -10.06 17.78 9.28
C LEU B 87 -10.61 18.70 8.18
N LEU B 88 -9.71 19.27 7.38
CA LEU B 88 -10.09 20.18 6.29
C LEU B 88 -11.23 19.69 5.39
N SER B 89 -11.10 18.48 4.83
CA SER B 89 -12.13 17.94 3.97
C SER B 89 -13.27 17.32 4.79
N ALA B 90 -12.93 16.72 5.93
CA ALA B 90 -13.94 16.11 6.79
C ALA B 90 -14.87 17.20 7.27
N CYS B 91 -14.28 18.37 7.34
CA CYS B 91 -14.92 19.60 7.76
C CYS B 91 -16.36 19.83 7.29
N SER B 92 -16.54 19.81 5.97
CA SER B 92 -17.84 20.04 5.33
C SER B 92 -18.73 18.83 5.31
N HIS B 93 -18.68 18.02 6.37
CA HIS B 93 -19.49 16.81 6.45
C HIS B 93 -19.97 16.49 7.86
N PHE B 94 -19.37 17.14 8.85
CA PHE B 94 -19.75 16.91 10.25
C PHE B 94 -20.03 18.18 11.03
N GLU B 95 -21.28 18.35 11.46
CA GLU B 95 -21.69 19.53 12.22
C GLU B 95 -20.92 19.70 13.54
N ASP B 96 -20.68 18.58 14.22
CA ASP B 96 -19.99 18.58 15.50
C ASP B 96 -18.70 17.77 15.48
N ILE B 97 -17.58 18.50 15.54
CA ILE B 97 -16.25 17.90 15.52
C ILE B 97 -15.56 17.96 16.88
N THR B 98 -14.93 16.87 17.27
CA THR B 98 -14.24 16.84 18.54
C THR B 98 -12.77 16.58 18.31
N MET B 99 -11.91 17.54 18.65
CA MET B 99 -10.48 17.30 18.50
C MET B 99 -9.97 16.83 19.85
N THR B 100 -8.87 16.09 19.84
CA THR B 100 -8.31 15.57 21.09
C THR B 100 -6.81 15.38 21.06
N ASP B 101 -6.24 15.25 22.26
CA ASP B 101 -4.81 14.99 22.44
C ASP B 101 -4.41 14.81 23.89
N PHE B 102 -3.31 14.07 24.08
CA PHE B 102 -2.74 13.74 25.37
C PHE B 102 -2.09 14.96 26.03
N LEU B 103 -1.23 15.63 25.26
CA LEU B 103 -0.52 16.81 25.74
C LEU B 103 -1.37 18.06 25.67
N GLU B 104 -1.36 18.84 26.75
CA GLU B 104 -2.14 20.06 26.78
C GLU B 104 -1.42 21.17 26.01
N VAL B 105 -0.12 21.03 25.82
CA VAL B 105 0.65 22.02 25.06
C VAL B 105 0.22 21.96 23.60
N ASN B 106 -0.41 20.85 23.25
CA ASN B 106 -0.92 20.65 21.90
C ASN B 106 -2.36 21.16 21.86
N ARG B 107 -3.11 20.89 22.92
CA ARG B 107 -4.46 21.38 22.97
C ARG B 107 -4.41 22.90 22.88
N GLN B 108 -3.34 23.49 23.42
CA GLN B 108 -3.15 24.94 23.39
C GLN B 108 -2.75 25.43 22.02
N GLU B 109 -1.89 24.68 21.35
CA GLU B 109 -1.44 25.07 20.03
C GLU B 109 -2.67 25.10 19.13
N LEU B 110 -3.61 24.18 19.39
CA LEU B 110 -4.85 24.15 18.63
C LEU B 110 -5.68 25.36 19.05
N GLY B 111 -5.72 25.62 20.35
CA GLY B 111 -6.45 26.75 20.87
C GLY B 111 -6.02 28.04 20.21
N ARG B 112 -4.74 28.14 19.86
CA ARG B 112 -4.23 29.34 19.21
C ARG B 112 -4.81 29.49 17.81
N TRP B 113 -4.84 28.39 17.06
CA TRP B 113 -5.39 28.46 15.72
C TRP B 113 -6.87 28.76 15.79
N LEU B 114 -7.52 28.25 16.83
CA LEU B 114 -8.96 28.46 17.02
C LEU B 114 -9.33 29.93 17.27
N GLN B 115 -8.57 30.60 18.13
CA GLN B 115 -8.83 32.00 18.42
C GLN B 115 -8.31 32.86 17.27
N GLU B 116 -7.79 32.19 16.25
CA GLU B 116 -7.23 32.84 15.07
C GLU B 116 -6.15 33.87 15.40
N GLU B 117 -5.27 33.51 16.32
CA GLU B 117 -4.17 34.38 16.72
C GLU B 117 -3.05 34.33 15.71
N PRO B 118 -2.23 35.39 15.62
CA PRO B 118 -1.11 35.45 14.67
C PRO B 118 -0.01 34.43 15.02
N GLY B 119 0.24 34.26 16.32
CA GLY B 119 1.25 33.31 16.74
C GLY B 119 0.96 31.92 16.18
N ALA B 120 -0.33 31.57 16.15
CA ALA B 120 -0.78 30.28 15.65
C ALA B 120 -0.14 29.89 14.32
N PHE B 121 -0.04 28.57 14.11
CA PHE B 121 0.55 28.01 12.90
C PHE B 121 -0.35 28.32 11.71
N ASN B 122 0.22 28.82 10.63
CA ASN B 122 -0.58 29.14 9.45
C ASN B 122 -0.76 27.92 8.57
N TRP B 123 -2.00 27.44 8.49
CA TRP B 123 -2.33 26.26 7.68
C TRP B 123 -2.94 26.63 6.33
N SER B 124 -2.85 27.90 5.97
CA SER B 124 -3.41 28.36 4.71
C SER B 124 -3.03 27.49 3.50
N MET B 125 -1.76 27.09 3.41
CA MET B 125 -1.31 26.26 2.29
C MET B 125 -2.14 25.00 2.20
N TYR B 126 -2.40 24.39 3.35
CA TYR B 126 -3.18 23.16 3.38
C TYR B 126 -4.62 23.47 3.00
N SER B 127 -5.20 24.46 3.67
CA SER B 127 -6.56 24.87 3.41
C SER B 127 -6.77 25.15 1.94
N GLN B 128 -5.86 25.91 1.33
CA GLN B 128 -6.00 26.23 -0.08
C GLN B 128 -6.02 24.93 -0.86
N HIS B 129 -4.96 24.13 -0.68
CA HIS B 129 -4.85 22.87 -1.40
C HIS B 129 -6.08 21.98 -1.24
N ALA B 130 -6.66 21.97 -0.06
CA ALA B 130 -7.85 21.16 0.16
C ALA B 130 -8.98 21.68 -0.75
N CYS B 131 -9.09 23.00 -0.83
CA CYS B 131 -10.12 23.63 -1.65
C CYS B 131 -9.82 23.39 -3.11
N LEU B 132 -8.54 23.29 -3.42
CA LEU B 132 -8.13 23.05 -4.78
C LEU B 132 -8.64 21.67 -5.17
N ILE B 133 -8.29 20.68 -4.33
CA ILE B 133 -8.67 19.28 -4.54
C ILE B 133 -10.15 18.97 -4.51
N GLU B 134 -10.89 19.55 -3.57
CA GLU B 134 -12.33 19.30 -3.48
C GLU B 134 -13.12 19.81 -4.70
N GLY B 135 -12.54 20.75 -5.44
CA GLY B 135 -13.16 21.30 -6.64
C GLY B 135 -14.55 21.92 -6.60
N LYS B 136 -14.89 22.59 -5.50
CA LYS B 136 -16.18 23.24 -5.39
C LYS B 136 -15.91 24.73 -5.62
N GLY B 137 -14.65 25.07 -5.87
CA GLY B 137 -14.27 26.46 -6.05
C GLY B 137 -14.37 27.26 -4.76
N GLU B 138 -14.26 26.57 -3.61
CA GLU B 138 -14.33 27.23 -2.30
C GLU B 138 -13.04 27.95 -2.01
N CYS B 139 -13.11 29.01 -1.22
CA CYS B 139 -11.91 29.76 -0.87
C CYS B 139 -11.43 29.23 0.47
N TRP B 140 -10.12 29.20 0.66
CA TRP B 140 -9.56 28.66 1.89
C TRP B 140 -10.02 29.38 3.15
N GLN B 141 -10.15 30.70 3.07
CA GLN B 141 -10.58 31.46 4.22
C GLN B 141 -12.00 31.07 4.66
N ASP B 142 -12.81 30.59 3.73
CA ASP B 142 -14.18 30.17 4.06
C ASP B 142 -14.12 28.80 4.72
N LYS B 143 -13.27 27.93 4.16
CA LYS B 143 -13.09 26.58 4.67
C LYS B 143 -12.60 26.60 6.12
N GLU B 144 -11.59 27.43 6.40
CA GLU B 144 -11.04 27.53 7.74
C GLU B 144 -12.07 28.03 8.72
N ARG B 145 -12.98 28.87 8.24
CA ARG B 145 -14.02 29.43 9.07
C ARG B 145 -15.00 28.32 9.46
N GLN B 146 -15.27 27.43 8.52
CA GLN B 146 -16.20 26.34 8.76
C GLN B 146 -15.61 25.39 9.79
N LEU B 147 -14.30 25.18 9.69
CA LEU B 147 -13.63 24.29 10.63
C LEU B 147 -13.69 24.90 12.01
N ARG B 148 -13.22 26.14 12.12
CA ARG B 148 -13.24 26.81 13.41
C ARG B 148 -14.64 26.75 14.02
N ALA B 149 -15.66 26.84 13.18
CA ALA B 149 -17.04 26.82 13.67
C ALA B 149 -17.48 25.46 14.21
N ARG B 150 -17.22 24.43 13.42
CA ARG B 150 -17.61 23.06 13.77
C ARG B 150 -16.80 22.37 14.87
N VAL B 151 -15.61 22.88 15.20
CA VAL B 151 -14.81 22.27 16.27
C VAL B 151 -15.46 22.67 17.61
N LYS B 152 -16.28 21.78 18.14
CA LYS B 152 -17.04 22.01 19.37
C LYS B 152 -16.32 21.80 20.70
N ARG B 153 -15.05 21.45 20.66
CA ARG B 153 -14.31 21.23 21.90
C ARG B 153 -13.02 20.46 21.66
N VAL B 154 -11.97 20.82 22.40
CA VAL B 154 -10.69 20.15 22.29
C VAL B 154 -10.55 19.41 23.61
N LEU B 155 -10.68 18.09 23.58
CA LEU B 155 -10.59 17.27 24.80
C LEU B 155 -9.26 16.54 24.97
N PRO B 156 -8.84 16.32 26.22
CA PRO B 156 -7.60 15.61 26.52
C PRO B 156 -7.90 14.13 26.32
N ILE B 157 -6.92 13.36 25.87
CA ILE B 157 -7.17 11.94 25.61
C ILE B 157 -5.98 11.00 25.82
N ASP B 158 -6.29 9.77 26.23
CA ASP B 158 -5.28 8.73 26.44
C ASP B 158 -5.78 7.48 25.72
N VAL B 159 -5.16 7.21 24.58
CA VAL B 159 -5.51 6.07 23.75
C VAL B 159 -5.36 4.72 24.44
N HIS B 160 -4.64 4.68 25.55
CA HIS B 160 -4.42 3.42 26.27
C HIS B 160 -5.45 3.03 27.32
N GLN B 161 -6.30 3.97 27.73
CA GLN B 161 -7.31 3.64 28.71
C GLN B 161 -8.45 2.96 27.98
N PRO B 162 -9.20 2.08 28.67
CA PRO B 162 -10.33 1.39 28.03
C PRO B 162 -11.34 2.41 27.51
N GLN B 163 -11.45 3.53 28.21
CA GLN B 163 -12.35 4.60 27.82
C GLN B 163 -11.45 5.81 27.57
N PRO B 164 -10.89 5.89 26.37
CA PRO B 164 -9.99 6.96 25.94
C PRO B 164 -10.30 8.39 26.36
N LEU B 165 -11.58 8.74 26.48
CA LEU B 165 -11.95 10.11 26.85
C LEU B 165 -12.36 10.32 28.30
N GLY B 166 -12.39 9.27 29.10
CA GLY B 166 -12.82 9.45 30.48
C GLY B 166 -14.20 8.84 30.60
N ALA B 167 -14.71 8.73 31.83
CA ALA B 167 -16.02 8.14 32.07
C ALA B 167 -17.20 8.96 31.56
N GLY B 168 -17.40 10.14 32.14
CA GLY B 168 -18.52 10.97 31.72
C GLY B 168 -18.12 12.04 30.73
N SER B 169 -17.48 11.63 29.65
CA SER B 169 -17.03 12.57 28.64
C SER B 169 -18.13 13.44 28.07
N PRO B 170 -17.80 14.70 27.78
CA PRO B 170 -18.69 15.71 27.22
C PRO B 170 -18.94 15.36 25.75
N ALA B 171 -17.95 14.69 25.18
CA ALA B 171 -18.00 14.26 23.79
C ALA B 171 -19.31 13.51 23.50
N PRO B 172 -19.94 13.80 22.37
CA PRO B 172 -21.18 13.10 22.05
C PRO B 172 -20.81 11.70 21.63
N LEU B 173 -21.16 10.70 22.45
CA LEU B 173 -20.86 9.31 22.09
C LEU B 173 -22.12 8.52 21.79
N PRO B 174 -22.05 7.59 20.85
CA PRO B 174 -20.83 7.30 20.10
C PRO B 174 -20.77 8.24 18.90
N ALA B 175 -19.57 8.51 18.41
CA ALA B 175 -19.39 9.39 17.26
C ALA B 175 -19.76 8.63 15.98
N ASP B 176 -20.05 9.33 14.90
CA ASP B 176 -20.41 8.66 13.65
C ASP B 176 -19.19 8.28 12.82
N ALA B 177 -18.08 8.98 13.10
CA ALA B 177 -16.84 8.73 12.40
C ALA B 177 -15.68 9.17 13.26
N LEU B 178 -14.50 8.62 12.96
CA LEU B 178 -13.27 8.97 13.66
C LEU B 178 -12.23 9.22 12.60
N VAL B 179 -11.22 10.02 12.95
CA VAL B 179 -10.11 10.26 12.04
C VAL B 179 -8.95 10.35 13.00
N SER B 180 -7.83 9.75 12.60
CA SER B 180 -6.65 9.78 13.44
C SER B 180 -5.45 9.68 12.55
N ALA B 181 -4.53 10.64 12.68
CA ALA B 181 -3.34 10.64 11.86
C ALA B 181 -2.08 10.67 12.69
N PHE B 182 -1.26 9.63 12.54
CA PHE B 182 0.02 9.50 13.21
C PHE B 182 -0.03 9.45 14.73
N CYS B 183 -1.08 8.87 15.28
CA CYS B 183 -1.18 8.80 16.71
C CYS B 183 -0.82 7.41 17.24
N LEU B 184 -1.71 6.45 17.03
CA LEU B 184 -1.47 5.10 17.50
C LEU B 184 -0.05 4.55 17.36
N GLU B 185 0.52 4.52 16.16
CA GLU B 185 1.87 3.97 16.03
C GLU B 185 2.90 4.74 16.87
N ALA B 186 2.71 6.05 16.96
CA ALA B 186 3.66 6.90 17.69
C ALA B 186 3.42 6.99 19.18
N VAL B 187 2.64 6.07 19.74
CA VAL B 187 2.35 6.13 21.15
C VAL B 187 2.28 4.76 21.83
N SER B 188 2.30 3.70 21.05
CA SER B 188 2.26 2.36 21.61
C SER B 188 3.60 1.68 21.39
N PRO B 189 4.18 1.10 22.46
CA PRO B 189 5.46 0.40 22.52
C PRO B 189 5.62 -0.74 21.53
N ASP B 190 4.66 -1.65 21.54
CA ASP B 190 4.66 -2.82 20.67
C ASP B 190 3.36 -2.92 19.86
N LEU B 191 3.33 -3.84 18.90
CA LEU B 191 2.16 -4.05 18.07
C LEU B 191 0.94 -4.50 18.89
N ALA B 192 1.19 -5.05 20.08
CA ALA B 192 0.11 -5.51 20.97
C ALA B 192 -0.60 -4.32 21.58
N SER B 193 0.20 -3.32 21.94
CA SER B 193 -0.27 -2.06 22.52
C SER B 193 -1.10 -1.35 21.46
N PHE B 194 -0.59 -1.38 20.22
CA PHE B 194 -1.23 -0.80 19.06
C PHE B 194 -2.64 -1.38 18.98
N GLN B 195 -2.74 -2.70 18.95
CA GLN B 195 -4.04 -3.37 18.88
C GLN B 195 -4.97 -2.88 19.97
N ARG B 196 -4.51 -2.94 21.21
CA ARG B 196 -5.31 -2.50 22.35
C ARG B 196 -5.81 -1.07 22.17
N ALA B 197 -4.88 -0.18 21.82
CA ALA B 197 -5.21 1.22 21.59
C ALA B 197 -6.32 1.33 20.54
N LEU B 198 -6.15 0.63 19.42
CA LEU B 198 -7.13 0.65 18.35
C LEU B 198 -8.47 0.10 18.85
N ASP B 199 -8.44 -0.85 19.77
CA ASP B 199 -9.68 -1.40 20.29
C ASP B 199 -10.43 -0.37 21.13
N HIS B 200 -9.68 0.35 21.98
CA HIS B 200 -10.23 1.38 22.86
C HIS B 200 -10.90 2.50 22.08
N ILE B 201 -10.22 2.92 21.02
CA ILE B 201 -10.67 3.97 20.13
C ILE B 201 -11.98 3.54 19.48
N THR B 202 -11.98 2.32 18.96
CA THR B 202 -13.14 1.75 18.28
C THR B 202 -14.36 1.77 19.22
N THR B 203 -14.10 1.88 20.50
CA THR B 203 -15.18 1.92 21.48
C THR B 203 -16.02 3.19 21.32
N LEU B 204 -15.40 4.27 20.84
CA LEU B 204 -16.06 5.55 20.67
C LEU B 204 -16.87 5.66 19.37
N LEU B 205 -16.65 4.72 18.46
CA LEU B 205 -17.32 4.76 17.16
C LEU B 205 -18.57 3.88 17.09
N ARG B 206 -19.66 4.44 16.58
CA ARG B 206 -20.89 3.65 16.46
C ARG B 206 -20.73 2.51 15.45
N PRO B 207 -21.43 1.39 15.68
CA PRO B 207 -21.31 0.28 14.73
C PRO B 207 -21.77 0.82 13.40
N GLY B 208 -21.09 0.41 12.33
CA GLY B 208 -21.42 0.89 11.01
C GLY B 208 -20.76 2.22 10.74
N GLY B 209 -19.97 2.68 11.71
CA GLY B 209 -19.28 3.94 11.56
C GLY B 209 -18.05 3.83 10.68
N HIS B 210 -17.43 4.97 10.42
CA HIS B 210 -16.24 5.02 9.59
C HIS B 210 -15.05 5.56 10.34
N LEU B 211 -13.89 4.95 10.10
CA LEU B 211 -12.63 5.35 10.71
C LEU B 211 -11.62 5.70 9.61
N LEU B 212 -10.96 6.84 9.77
CA LEU B 212 -9.98 7.24 8.77
C LEU B 212 -8.62 7.28 9.45
N LEU B 213 -7.82 6.25 9.23
CA LEU B 213 -6.49 6.17 9.83
C LEU B 213 -5.41 6.55 8.86
N ILE B 214 -4.47 7.34 9.36
CA ILE B 214 -3.30 7.75 8.61
C ILE B 214 -2.13 7.51 9.58
N GLY B 215 -1.06 6.85 9.13
CA GLY B 215 0.05 6.60 10.03
C GLY B 215 1.39 6.42 9.35
N ALA B 216 2.42 6.21 10.16
CA ALA B 216 3.77 6.01 9.65
C ALA B 216 4.01 4.53 9.38
N LEU B 217 4.66 4.24 8.27
CA LEU B 217 4.94 2.87 7.87
C LEU B 217 6.39 2.50 8.16
N GLU B 218 6.59 1.48 8.99
CA GLU B 218 7.92 0.99 9.35
C GLU B 218 8.87 2.04 9.91
N GLU B 219 8.38 2.82 10.87
CA GLU B 219 9.15 3.88 11.51
C GLU B 219 9.45 3.54 12.97
N SER B 220 10.66 3.86 13.41
CA SER B 220 11.07 3.57 14.79
C SER B 220 11.33 4.82 15.63
N TRP B 221 11.49 5.96 14.97
CA TRP B 221 11.75 7.19 15.71
C TRP B 221 11.51 8.43 14.86
N TYR B 222 11.23 9.54 15.54
CA TYR B 222 11.02 10.83 14.90
C TYR B 222 11.32 11.90 15.95
N LEU B 223 11.71 13.09 15.49
CA LEU B 223 12.04 14.19 16.39
C LEU B 223 10.92 15.20 16.58
N ALA B 224 10.83 15.72 17.80
CA ALA B 224 9.81 16.70 18.18
C ALA B 224 10.51 17.73 19.05
N GLY B 225 11.60 18.28 18.51
CA GLY B 225 12.39 19.27 19.25
C GLY B 225 13.52 18.57 19.99
N GLU B 226 13.50 18.64 21.31
CA GLU B 226 14.51 17.99 22.13
C GLU B 226 14.25 16.49 22.04
N ALA B 227 13.02 16.11 22.35
CA ALA B 227 12.59 14.73 22.34
C ALA B 227 12.73 13.98 21.03
N ARG B 228 13.38 12.82 21.10
CA ARG B 228 13.56 11.92 19.95
C ARG B 228 12.69 10.74 20.39
N LEU B 229 11.50 10.64 19.83
CA LEU B 229 10.59 9.57 20.21
C LEU B 229 10.66 8.26 19.43
N THR B 230 10.81 7.18 20.18
CA THR B 230 10.89 5.86 19.60
C THR B 230 9.46 5.39 19.41
N VAL B 231 9.20 4.75 18.29
CA VAL B 231 7.86 4.27 17.99
C VAL B 231 7.87 2.91 17.32
N VAL B 232 6.81 2.13 17.55
CA VAL B 232 6.72 0.79 16.97
C VAL B 232 6.57 0.82 15.47
N PRO B 233 7.49 0.16 14.76
CA PRO B 233 7.36 0.16 13.30
C PRO B 233 6.31 -0.88 12.90
N VAL B 234 5.36 -0.46 12.08
CA VAL B 234 4.31 -1.35 11.61
C VAL B 234 4.30 -1.40 10.09
N SER B 235 3.87 -2.54 9.55
CA SER B 235 3.76 -2.75 8.11
C SER B 235 2.30 -2.54 7.73
N GLU B 236 2.03 -2.36 6.44
CA GLU B 236 0.64 -2.16 6.04
C GLU B 236 -0.16 -3.41 6.36
N GLU B 237 0.47 -4.58 6.24
CA GLU B 237 -0.21 -5.85 6.54
C GLU B 237 -0.64 -5.88 8.00
N GLU B 238 0.25 -5.45 8.89
CA GLU B 238 -0.06 -5.44 10.32
C GLU B 238 -1.24 -4.49 10.57
N VAL B 239 -1.27 -3.39 9.82
CA VAL B 239 -2.36 -2.43 9.97
C VAL B 239 -3.67 -3.03 9.52
N ARG B 240 -3.64 -3.74 8.39
CA ARG B 240 -4.87 -4.37 7.88
C ARG B 240 -5.42 -5.35 8.89
N GLU B 241 -4.53 -6.19 9.42
CA GLU B 241 -4.83 -7.21 10.42
C GLU B 241 -5.43 -6.57 11.67
N ALA B 242 -4.81 -5.48 12.13
CA ALA B 242 -5.27 -4.76 13.31
C ALA B 242 -6.72 -4.28 13.16
N LEU B 243 -7.02 -3.74 11.98
CA LEU B 243 -8.35 -3.24 11.69
C LEU B 243 -9.36 -4.37 11.73
N VAL B 244 -9.05 -5.46 11.02
CA VAL B 244 -9.93 -6.63 10.97
C VAL B 244 -10.20 -7.17 12.36
N ARG B 245 -9.14 -7.37 13.14
CA ARG B 245 -9.30 -7.87 14.52
C ARG B 245 -10.23 -6.96 15.33
N SER B 246 -10.09 -5.65 15.14
CA SER B 246 -10.91 -4.70 15.88
C SER B 246 -12.34 -4.65 15.37
N GLY B 247 -12.65 -5.47 14.37
CA GLY B 247 -14.01 -5.52 13.85
C GLY B 247 -14.36 -4.49 12.77
N TYR B 248 -13.40 -4.18 11.91
CA TYR B 248 -13.61 -3.22 10.84
C TYR B 248 -13.57 -3.97 9.52
N LYS B 249 -14.30 -3.47 8.53
CA LYS B 249 -14.20 -4.07 7.22
C LYS B 249 -13.31 -3.03 6.54
N VAL B 250 -12.15 -3.47 6.09
CA VAL B 250 -11.21 -2.56 5.44
C VAL B 250 -11.64 -2.19 4.04
N ARG B 251 -12.18 -0.99 3.88
CA ARG B 251 -12.63 -0.53 2.57
C ARG B 251 -11.54 0.02 1.66
N ASP B 252 -10.46 0.51 2.24
CA ASP B 252 -9.39 1.06 1.44
C ASP B 252 -8.16 1.20 2.28
N LEU B 253 -7.03 0.78 1.72
CA LEU B 253 -5.76 0.89 2.42
C LEU B 253 -4.73 1.22 1.35
N ARG B 254 -4.09 2.38 1.49
CA ARG B 254 -3.10 2.81 0.51
C ARG B 254 -1.76 3.12 1.18
N THR B 255 -0.68 2.91 0.43
CA THR B 255 0.66 3.20 0.92
C THR B 255 1.39 4.26 0.08
N TYR B 256 2.08 5.17 0.75
CA TYR B 256 2.84 6.21 0.08
C TYR B 256 4.28 6.00 0.49
N ILE B 257 5.13 5.64 -0.47
CA ILE B 257 6.54 5.41 -0.18
C ILE B 257 7.24 6.75 -0.08
N MET B 258 7.56 7.18 1.15
CA MET B 258 8.21 8.48 1.36
C MET B 258 9.49 8.41 0.53
N PRO B 259 9.62 9.29 -0.49
CA PRO B 259 10.76 9.37 -1.42
C PRO B 259 12.06 9.92 -0.81
N ALA B 260 13.17 9.72 -1.52
CA ALA B 260 14.48 10.16 -1.06
C ALA B 260 14.47 11.62 -0.55
N HIS B 261 14.01 12.52 -1.41
CA HIS B 261 13.93 13.94 -1.16
C HIS B 261 13.21 14.35 0.13
N LEU B 262 12.14 13.63 0.50
CA LEU B 262 11.39 13.95 1.72
C LEU B 262 12.00 13.27 2.96
N GLN B 263 13.12 12.59 2.74
CA GLN B 263 13.82 11.90 3.80
C GLN B 263 14.69 12.93 4.52
N THR B 264 14.20 13.46 5.64
CA THR B 264 14.95 14.42 6.43
C THR B 264 15.29 13.80 7.80
N GLY B 265 16.42 14.17 8.37
CA GLY B 265 16.85 13.61 9.63
C GLY B 265 15.84 13.67 10.76
N VAL B 266 14.60 14.04 10.43
CA VAL B 266 13.54 14.16 11.43
C VAL B 266 12.96 12.80 11.85
N ASP B 267 13.17 11.79 11.02
CA ASP B 267 12.66 10.47 11.33
C ASP B 267 13.15 9.44 10.32
N ASP B 268 12.67 8.21 10.47
CA ASP B 268 13.08 7.13 9.57
C ASP B 268 11.90 6.47 8.85
N VAL B 269 10.82 7.22 8.64
CA VAL B 269 9.66 6.65 7.93
C VAL B 269 10.03 6.18 6.52
N LYS B 270 9.48 5.03 6.13
CA LYS B 270 9.72 4.47 4.82
C LYS B 270 8.50 4.72 3.95
N GLY B 271 7.42 5.11 4.60
CA GLY B 271 6.18 5.40 3.91
C GLY B 271 5.06 5.76 4.87
N VAL B 272 3.90 6.10 4.33
CA VAL B 272 2.75 6.45 5.15
C VAL B 272 1.56 5.65 4.63
N PHE B 273 0.63 5.30 5.51
CA PHE B 273 -0.54 4.53 5.11
C PHE B 273 -1.84 5.28 5.40
N PHE B 274 -2.81 5.08 4.52
CA PHE B 274 -4.11 5.68 4.68
C PHE B 274 -5.06 4.51 4.67
N ALA B 275 -5.96 4.44 5.65
CA ALA B 275 -6.91 3.35 5.71
C ALA B 275 -8.33 3.87 5.96
N TRP B 276 -9.28 3.36 5.19
CA TRP B 276 -10.68 3.70 5.34
C TRP B 276 -11.37 2.42 5.75
N ALA B 277 -11.72 2.34 7.02
CA ALA B 277 -12.37 1.16 7.56
C ALA B 277 -13.70 1.48 8.20
N GLN B 278 -14.64 0.54 8.08
CA GLN B 278 -15.96 0.74 8.64
C GLN B 278 -16.22 -0.28 9.73
N LYS B 279 -16.69 0.21 10.87
CA LYS B 279 -16.99 -0.66 12.01
C LYS B 279 -18.18 -1.55 11.69
N VAL B 280 -18.09 -2.83 12.06
CA VAL B 280 -19.16 -3.76 11.81
C VAL B 280 -19.97 -3.97 13.08
N SAH C . 7.63 -12.75 -14.19
CA SAH C . 9.07 -12.55 -14.12
CB SAH C . 9.43 -11.23 -14.79
CG SAH C . 10.85 -11.11 -15.29
SD SAH C . 11.33 -9.39 -15.64
C SAH C . 9.54 -12.55 -12.66
O SAH C . 8.68 -12.29 -11.78
OXT SAH C . 10.74 -12.79 -12.41
C5' SAH C . 10.40 -8.96 -17.16
C4' SAH C . 10.43 -9.97 -18.28
O4' SAH C . 9.72 -9.48 -19.45
C3' SAH C . 11.81 -10.44 -18.76
O3' SAH C . 11.89 -11.86 -18.72
C2' SAH C . 11.92 -9.87 -20.17
O2' SAH C . 12.66 -10.68 -21.06
C1' SAH C . 10.45 -9.82 -20.62
N9 SAH C . 10.17 -8.83 -21.67
C8 SAH C . 11.06 -7.86 -22.25
N7 SAH C . 10.50 -7.14 -23.19
C5 SAH C . 9.21 -7.63 -23.24
C6 SAH C . 8.14 -7.25 -24.10
N6 SAH C . 8.26 -6.29 -25.03
N1 SAH C . 6.95 -7.88 -23.94
C2 SAH C . 6.85 -8.86 -23.00
N3 SAH C . 7.81 -9.31 -22.15
C4 SAH C . 8.97 -8.65 -22.33
I IDI D . 11.78 -8.60 -5.14
C4 IDI D . 11.84 -9.28 -9.36
C5 IDI D . 11.63 -9.42 -7.99
C6 IDI D . 12.07 -8.44 -7.13
C7 IDI D . 12.72 -7.32 -7.64
C8 IDI D . 12.92 -7.17 -9.00
C9 IDI D . 12.48 -8.17 -9.87
C1 IDI D . 13.58 -5.93 -9.52
C2 IDI D . 12.71 -6.56 -11.73
C3 IDI D . 12.75 -8.03 -11.34
N1 IDI D . 13.80 -5.91 -10.98
N SAH E . -2.22 14.46 14.62
CA SAH E . -0.82 14.73 14.29
CB SAH E . 0.09 13.67 14.93
CG SAH E . 0.76 14.11 16.21
SD SAH E . 2.08 12.94 16.69
C SAH E . -0.57 14.77 12.77
O SAH E . -1.44 14.34 11.99
OXT SAH E . 0.54 15.23 12.39
C5' SAH E . 1.26 11.88 17.93
C4' SAH E . 0.50 12.64 19.00
O4' SAH E . -0.14 11.74 19.93
C3' SAH E . 1.25 13.68 19.82
O3' SAH E . 0.68 14.97 19.63
C2' SAH E . 1.10 13.18 21.26
O2' SAH E . 0.96 14.23 22.20
C1' SAH E . -0.18 12.36 21.19
N9 SAH E . -0.29 11.31 22.22
C8 SAH E . 0.71 10.86 23.15
N7 SAH E . 0.27 9.95 23.98
C5 SAH E . -1.05 9.78 23.60
C6 SAH E . -2.03 8.94 24.18
N6 SAH E . -1.81 8.14 25.23
N1 SAH E . -3.28 8.98 23.63
C2 SAH E . -3.51 9.81 22.58
N3 SAH E . -2.65 10.65 21.96
C4 SAH E . -1.42 10.59 22.53
I IDI F . 4.80 12.68 6.75
C4 IDI F . 3.97 13.24 10.91
C5 IDI F . 3.96 13.34 9.52
C6 IDI F . 4.82 12.56 8.77
C7 IDI F . 5.68 11.67 9.41
C8 IDI F . 5.68 11.57 10.79
C9 IDI F . 4.82 12.36 11.55
C1 IDI F . 6.60 10.59 11.48
C2 IDI F . 5.02 10.79 13.43
C3 IDI F . 4.82 12.24 13.04
N1 IDI F . 6.38 10.43 12.94
#